data_2DLC
#
_entry.id   2DLC
#
_cell.length_a   63.854
_cell.length_b   63.854
_cell.length_c   330.334
_cell.angle_alpha   90.00
_cell.angle_beta   90.00
_cell.angle_gamma   90.00
#
_symmetry.space_group_name_H-M   'P 41 21 2'
#
loop_
_entity.id
_entity.type
_entity.pdbx_description
1 polymer 'T-RNA (76-MER)'
2 polymer 'Tyrosyl-tRNA synthetase, cytoplasmic'
3 non-polymer 'MAGNESIUM ION'
4 non-polymer "O-(ADENOSINE-5'-O-YL)-N-(L-TYROSYL)PHOSPHORAMIDATE"
5 water water
#
loop_
_entity_poly.entity_id
_entity_poly.type
_entity_poly.pdbx_seq_one_letter_code
_entity_poly.pdbx_strand_id
1 'polyribonucleotide'
;CUCUCGGUA(2MG)CCAAGU(H2U)(OMG)GGAAGGC(M2G)CAAGACUG(PSU)A(6IA)A(PSU)CUUGAGGU(5MC)
GGGCG(5MU)(PSU)CG(1MA)CUCGCCCCCGGGAGACCA
;
Y
2 'polypeptide(L)'
;MSSAATVDPNEAFGLITKNLQEVLNPQIIKDVLEVQKRHLKLYWGTAPTGRPHCGYFVPMTKLADFLKAGCEVTVLLADL
HAFLDNMKAPLEVVNYRAKYYELTIKAILRSINVPIEKLKFVVGSSYQLTPDYTMDIFRLSNIVSQNDAKRAGADVVKQV
ANPLLSGLIYPLMQALDEQFLDVDCQFGGVDQRKIFVLAEENLPSLGYKKRAHLMNPMVPGLAQGGKMSASDPNSKIDLL
EEPKQVKKKINSAFCSPGNVEENGLLSFVQYVIAPIQELKFGTNHFEFFIDRPEKFGGPITYKSFEEMKLAFKEEKLSPP
DLKIGVADAINELLEPIRQEFANNKEFQEASEKGYPVATPQKSKKAKKPKNKGTKYPGATKTNEIATKLEETKL
;
X
#
# COMPACT_ATOMS: atom_id res chain seq x y z
N ASP B 8 7.11 -11.00 22.04
CA ASP B 8 7.04 -12.49 22.00
C ASP B 8 7.04 -12.97 20.55
N PRO B 9 7.96 -13.88 20.21
CA PRO B 9 8.23 -14.25 18.81
C PRO B 9 7.04 -14.85 18.04
N ASN B 10 6.13 -15.49 18.76
CA ASN B 10 4.92 -16.04 18.15
C ASN B 10 3.86 -14.96 17.91
N GLU B 11 3.66 -14.12 18.92
CA GLU B 11 2.77 -12.97 18.84
C GLU B 11 3.23 -11.99 17.77
N ALA B 12 4.53 -11.68 17.78
CA ALA B 12 5.14 -10.82 16.76
C ALA B 12 4.88 -11.37 15.36
N PHE B 13 5.15 -12.67 15.17
CA PHE B 13 4.89 -13.32 13.88
C PHE B 13 3.43 -13.23 13.45
N GLY B 14 2.52 -13.40 14.42
CA GLY B 14 1.10 -13.26 14.17
C GLY B 14 0.70 -11.86 13.72
N LEU B 15 1.29 -10.85 14.36
CA LEU B 15 1.01 -9.46 14.01
C LEU B 15 1.56 -9.10 12.64
N ILE B 16 2.75 -9.60 12.34
CA ILE B 16 3.44 -9.31 11.09
C ILE B 16 2.71 -9.90 9.89
N THR B 17 2.15 -11.10 10.03
CA THR B 17 1.59 -11.83 8.89
C THR B 17 0.08 -11.73 8.73
N LYS B 18 -0.59 -11.10 9.69
CA LYS B 18 -2.06 -11.04 9.67
C LYS B 18 -2.62 -10.19 8.52
N ASN B 19 -3.70 -10.69 7.92
CA ASN B 19 -4.40 -10.00 6.81
C ASN B 19 -3.64 -9.95 5.49
N LEU B 20 -2.51 -10.66 5.41
CA LEU B 20 -1.71 -10.74 4.19
C LEU B 20 -2.18 -11.84 3.26
N GLN B 21 -2.07 -11.59 1.95
CA GLN B 21 -2.39 -12.60 0.95
C GLN B 21 -1.29 -13.65 0.82
N GLU B 22 -0.02 -13.23 0.90
CA GLU B 22 1.08 -14.17 0.75
C GLU B 22 2.35 -13.78 1.51
N VAL B 23 2.97 -14.79 2.13
CA VAL B 23 4.25 -14.63 2.81
C VAL B 23 5.26 -15.54 2.14
N LEU B 24 6.32 -14.95 1.59
CA LEU B 24 7.42 -15.71 0.99
C LEU B 24 8.59 -15.81 1.97
N ASN B 25 9.07 -17.04 2.17
CA ASN B 25 10.15 -17.32 3.11
C ASN B 25 9.87 -16.93 4.57
N PRO B 26 8.79 -17.44 5.16
CA PRO B 26 8.49 -17.16 6.57
C PRO B 26 9.60 -17.64 7.52
N GLN B 27 10.39 -18.63 7.10
CA GLN B 27 11.49 -19.15 7.90
C GLN B 27 12.52 -18.09 8.24
N ILE B 28 12.74 -17.16 7.30
CA ILE B 28 13.63 -16.04 7.50
C ILE B 28 13.16 -15.17 8.66
N ILE B 29 11.88 -14.80 8.66
CA ILE B 29 11.30 -14.00 9.74
C ILE B 29 11.39 -14.75 11.06
N LYS B 30 10.99 -16.02 11.03
CA LYS B 30 11.04 -16.88 12.22
C LYS B 30 12.45 -17.03 12.79
N ASP B 31 13.44 -17.15 11.92
CA ASP B 31 14.85 -17.22 12.34
C ASP B 31 15.29 -15.94 13.03
N VAL B 32 14.90 -14.79 12.48
CA VAL B 32 15.21 -13.48 13.05
C VAL B 32 14.61 -13.33 14.45
N LEU B 33 13.34 -13.69 14.60
CA LEU B 33 12.60 -13.48 15.85
C LEU B 33 12.93 -14.50 16.93
N GLU B 34 13.15 -15.75 16.52
CA GLU B 34 13.28 -16.87 17.46
C GLU B 34 14.73 -17.29 17.73
N VAL B 35 15.55 -17.34 16.68
CA VAL B 35 16.94 -17.78 16.80
C VAL B 35 17.87 -16.60 17.09
N GLN B 36 17.82 -15.59 16.23
CA GLN B 36 18.60 -14.36 16.43
C GLN B 36 18.06 -13.54 17.61
N LYS B 37 16.79 -13.73 17.94
CA LYS B 37 16.11 -13.05 19.05
C LYS B 37 16.30 -11.53 19.01
N ARG B 38 15.91 -10.94 17.88
CA ARG B 38 15.91 -9.49 17.75
C ARG B 38 14.68 -9.05 16.99
N HIS B 39 14.47 -7.73 16.90
CA HIS B 39 13.33 -7.18 16.19
C HIS B 39 13.58 -7.26 14.70
N LEU B 40 12.51 -7.56 13.94
CA LEU B 40 12.59 -7.68 12.49
C LEU B 40 12.77 -6.31 11.85
N LYS B 41 13.69 -6.24 10.90
CA LYS B 41 13.91 -5.02 10.12
C LYS B 41 13.27 -5.18 8.74
N LEU B 42 12.31 -4.32 8.45
CA LEU B 42 11.62 -4.37 7.16
C LEU B 42 11.39 -2.97 6.60
N TYR B 43 11.06 -2.92 5.32
CA TYR B 43 10.69 -1.66 4.70
C TYR B 43 9.56 -1.81 3.69
N TRP B 44 8.87 -0.71 3.48
CA TRP B 44 7.82 -0.58 2.50
C TRP B 44 8.23 0.58 1.60
N GLY B 45 8.25 0.34 0.29
CA GLY B 45 8.67 1.37 -0.66
C GLY B 45 7.57 1.93 -1.52
N THR B 46 7.58 3.24 -1.73
CA THR B 46 6.57 3.90 -2.57
C THR B 46 7.20 4.92 -3.51
N ALA B 47 6.79 4.89 -4.77
CA ALA B 47 7.29 5.81 -5.79
C ALA B 47 6.43 7.07 -5.82
N PRO B 48 7.01 8.21 -5.48
CA PRO B 48 6.29 9.49 -5.44
C PRO B 48 5.83 9.90 -6.85
N THR B 49 4.72 9.28 -7.23
CA THR B 49 4.26 9.24 -8.60
C THR B 49 2.98 10.11 -8.69
N GLY B 50 1.81 9.51 -8.90
CA GLY B 50 0.57 10.26 -8.86
C GLY B 50 0.12 10.47 -7.41
N ARG B 51 -0.99 11.16 -7.23
CA ARG B 51 -1.53 11.36 -5.88
C ARG B 51 -2.03 10.04 -5.30
N PRO B 52 -1.61 9.70 -4.09
CA PRO B 52 -2.03 8.45 -3.44
C PRO B 52 -3.54 8.39 -3.20
N HIS B 53 -4.07 7.18 -3.33
CA HIS B 53 -5.52 6.95 -3.26
C HIS B 53 -5.87 6.09 -2.04
N CYS B 54 -7.16 5.77 -1.89
CA CYS B 54 -7.66 4.98 -0.77
C CYS B 54 -7.10 3.56 -0.69
N GLY B 55 -6.54 3.07 -1.79
CA GLY B 55 -5.84 1.81 -1.81
C GLY B 55 -4.69 1.77 -0.82
N TYR B 56 -4.11 2.94 -0.53
CA TYR B 56 -2.95 3.05 0.35
C TYR B 56 -3.27 2.76 1.81
N PHE B 57 -4.56 2.70 2.16
CA PHE B 57 -4.97 2.39 3.52
C PHE B 57 -4.50 0.99 3.93
N VAL B 58 -4.52 0.07 2.98
CA VAL B 58 -4.13 -1.33 3.23
C VAL B 58 -2.68 -1.47 3.75
N PRO B 59 -1.67 -1.02 3.00
CA PRO B 59 -0.30 -0.96 3.52
C PRO B 59 -0.17 -0.20 4.85
N MET B 60 -0.98 0.85 5.05
CA MET B 60 -0.89 1.64 6.27
C MET B 60 -1.31 0.85 7.53
N THR B 61 -2.33 -0.01 7.39
CA THR B 61 -2.75 -0.86 8.50
C THR B 61 -1.66 -1.88 8.84
N LYS B 62 -0.95 -2.34 7.81
CA LYS B 62 0.15 -3.28 8.00
C LYS B 62 1.35 -2.63 8.69
N LEU B 63 1.69 -1.40 8.29
CA LEU B 63 2.70 -0.62 9.00
C LEU B 63 2.37 -0.51 10.49
N ALA B 64 1.09 -0.32 10.81
CA ALA B 64 0.64 -0.25 12.19
C ALA B 64 0.85 -1.58 12.93
N ASP B 65 0.48 -2.68 12.29
CA ASP B 65 0.77 -4.03 12.80
C ASP B 65 2.28 -4.24 13.04
N PHE B 66 3.12 -3.74 12.12
CA PHE B 66 4.57 -3.91 12.21
C PHE B 66 5.16 -3.17 13.41
N LEU B 67 4.79 -1.90 13.55
CA LEU B 67 5.24 -1.09 14.69
C LEU B 67 4.76 -1.67 16.01
N LYS B 68 3.55 -2.22 16.01
CA LYS B 68 2.96 -2.87 17.18
C LYS B 68 3.75 -4.12 17.59
N ALA B 69 4.33 -4.79 16.59
CA ALA B 69 5.12 -6.01 16.79
C ALA B 69 6.57 -5.73 17.23
N GLY B 70 6.96 -4.46 17.25
CA GLY B 70 8.31 -4.09 17.62
C GLY B 70 9.29 -4.01 16.46
N CYS B 71 8.79 -4.17 15.23
CA CYS B 71 9.62 -4.11 14.04
C CYS B 71 10.31 -2.76 13.85
N GLU B 72 11.51 -2.78 13.28
CA GLU B 72 12.14 -1.56 12.74
C GLU B 72 11.55 -1.31 11.36
N VAL B 73 10.66 -0.33 11.25
CA VAL B 73 9.95 -0.06 9.99
C VAL B 73 10.48 1.19 9.29
N THR B 74 10.83 1.01 8.02
CA THR B 74 11.25 2.11 7.16
C THR B 74 10.30 2.26 5.97
N VAL B 75 9.89 3.50 5.71
CA VAL B 75 9.28 3.79 4.42
C VAL B 75 10.30 4.41 3.47
N LEU B 76 10.52 3.75 2.34
CA LEU B 76 11.40 4.26 1.31
C LEU B 76 10.59 5.13 0.34
N LEU B 77 10.92 6.42 0.33
CA LEU B 77 10.37 7.34 -0.65
C LEU B 77 11.26 7.21 -1.88
N ALA B 78 10.81 6.37 -2.81
CA ALA B 78 11.61 5.99 -3.97
C ALA B 78 11.52 7.03 -5.10
N ASP B 79 12.12 8.19 -4.84
CA ASP B 79 12.09 9.31 -5.78
C ASP B 79 12.70 9.00 -7.14
N LEU B 80 13.86 8.35 -7.15
CA LEU B 80 14.53 7.98 -8.39
C LEU B 80 13.71 6.95 -9.19
N HIS B 81 13.11 5.99 -8.48
CA HIS B 81 12.20 5.04 -9.09
C HIS B 81 11.02 5.72 -9.77
N ALA B 82 10.52 6.82 -9.16
CA ALA B 82 9.39 7.56 -9.70
C ALA B 82 9.76 8.21 -11.04
N PHE B 83 11.02 8.58 -11.18
CA PHE B 83 11.57 9.10 -12.41
C PHE B 83 11.74 8.01 -13.48
N LEU B 84 12.17 6.83 -13.04
CA LEU B 84 12.50 5.73 -13.96
C LEU B 84 11.27 4.99 -14.49
N ASP B 85 10.13 5.17 -13.83
CA ASP B 85 8.90 4.57 -14.30
C ASP B 85 8.27 5.52 -15.31
N ASN B 86 8.71 5.40 -16.56
CA ASN B 86 8.15 6.16 -17.68
C ASN B 86 8.04 7.66 -17.43
N MET B 87 8.99 8.20 -16.64
CA MET B 87 9.01 9.61 -16.24
C MET B 87 7.67 10.08 -15.64
N LYS B 88 7.07 9.23 -14.81
CA LYS B 88 5.80 9.53 -14.15
C LYS B 88 5.94 10.75 -13.25
N ALA B 89 7.08 10.84 -12.56
CA ALA B 89 7.50 12.05 -11.88
C ALA B 89 8.82 12.54 -12.47
N PRO B 90 8.82 13.74 -13.06
CA PRO B 90 10.04 14.31 -13.66
C PRO B 90 10.92 15.08 -12.66
N LEU B 91 12.20 15.22 -13.06
CA LEU B 91 13.18 16.16 -12.50
C LEU B 91 12.88 16.89 -11.18
N GLU B 92 12.45 18.15 -11.29
CA GLU B 92 12.31 19.04 -10.13
C GLU B 92 11.01 18.80 -9.37
N VAL B 93 10.10 18.07 -9.99
CA VAL B 93 8.77 17.89 -9.43
C VAL B 93 8.78 16.77 -8.39
N VAL B 94 9.65 15.78 -8.58
CA VAL B 94 9.70 14.58 -7.74
C VAL B 94 9.99 14.86 -6.27
N ASN B 95 10.88 15.82 -5.99
CA ASN B 95 11.23 16.18 -4.62
C ASN B 95 10.02 16.64 -3.82
N TYR B 96 9.18 17.46 -4.45
CA TYR B 96 7.94 17.95 -3.85
C TYR B 96 6.94 16.82 -3.69
N ARG B 97 6.92 15.89 -4.65
CA ARG B 97 6.06 14.73 -4.61
C ARG B 97 6.47 13.80 -3.47
N ALA B 98 7.78 13.62 -3.30
CA ALA B 98 8.33 12.86 -2.17
C ALA B 98 7.84 13.40 -0.83
N LYS B 99 7.86 14.73 -0.69
CA LYS B 99 7.35 15.40 0.51
C LYS B 99 5.84 15.22 0.67
N TYR B 100 5.12 15.46 -0.43
CA TYR B 100 3.68 15.24 -0.49
C TYR B 100 3.32 13.84 -0.01
N TYR B 101 4.10 12.84 -0.45
CA TYR B 101 3.90 11.45 -0.06
C TYR B 101 4.21 11.22 1.42
N GLU B 102 5.31 11.78 1.88
CA GLU B 102 5.71 11.71 3.29
C GLU B 102 4.61 12.22 4.21
N LEU B 103 4.04 13.38 3.87
CA LEU B 103 3.01 14.00 4.70
C LEU B 103 1.65 13.32 4.56
N THR B 104 1.35 12.79 3.37
CA THR B 104 0.14 11.99 3.16
C THR B 104 0.16 10.75 4.05
N ILE B 105 1.26 10.01 3.97
CA ILE B 105 1.46 8.79 4.77
C ILE B 105 1.31 9.05 6.27
N LYS B 106 1.92 10.14 6.74
CA LYS B 106 1.86 10.50 8.15
C LYS B 106 0.45 10.91 8.58
N ALA B 107 -0.28 11.56 7.68
CA ALA B 107 -1.68 11.94 7.93
C ALA B 107 -2.61 10.73 8.03
N ILE B 108 -2.46 9.76 7.12
CA ILE B 108 -3.26 8.52 7.18
C ILE B 108 -3.05 7.84 8.54
N LEU B 109 -1.79 7.58 8.88
CA LEU B 109 -1.46 6.84 10.09
C LEU B 109 -1.92 7.55 11.35
N ARG B 110 -1.83 8.88 11.35
CA ARG B 110 -2.35 9.68 12.47
C ARG B 110 -3.88 9.67 12.47
N SER B 111 -4.49 9.61 11.29
CA SER B 111 -5.95 9.57 11.17
C SER B 111 -6.57 8.27 11.70
N ILE B 112 -5.76 7.22 11.75
CA ILE B 112 -6.19 5.93 12.29
C ILE B 112 -5.43 5.61 13.59
N ASN B 113 -4.95 6.66 14.24
CA ASN B 113 -4.38 6.61 15.60
C ASN B 113 -3.18 5.67 15.76
N VAL B 114 -2.23 5.78 14.85
CA VAL B 114 -0.98 5.04 14.91
C VAL B 114 0.15 6.00 15.26
N PRO B 115 0.87 5.72 16.36
CA PRO B 115 2.04 6.51 16.73
C PRO B 115 3.18 6.29 15.74
N ILE B 116 3.71 7.38 15.20
CA ILE B 116 4.64 7.31 14.07
C ILE B 116 6.08 7.72 14.41
N GLU B 117 6.37 7.93 15.70
CA GLU B 117 7.69 8.36 16.17
C GLU B 117 8.83 7.46 15.69
N LYS B 118 8.63 6.14 15.76
CA LYS B 118 9.65 5.16 15.40
C LYS B 118 9.66 4.80 13.92
N LEU B 119 8.84 5.48 13.13
CA LEU B 119 8.80 5.23 11.68
C LEU B 119 9.91 5.99 10.96
N LYS B 120 10.76 5.26 10.26
CA LYS B 120 11.88 5.85 9.54
C LYS B 120 11.51 6.18 8.10
N PHE B 121 11.94 7.34 7.63
CA PHE B 121 11.75 7.72 6.24
C PHE B 121 13.10 7.89 5.56
N VAL B 122 13.30 7.20 4.44
CA VAL B 122 14.52 7.33 3.66
C VAL B 122 14.14 7.72 2.23
N VAL B 123 14.86 8.70 1.70
CA VAL B 123 14.72 9.13 0.31
C VAL B 123 15.74 8.33 -0.50
N GLY B 124 15.25 7.62 -1.51
CA GLY B 124 16.06 6.72 -2.30
C GLY B 124 17.34 7.31 -2.87
N SER B 125 17.29 8.54 -3.37
CA SER B 125 18.46 9.19 -3.95
C SER B 125 19.61 9.45 -2.96
N SER B 126 19.34 9.28 -1.67
CA SER B 126 20.35 9.54 -0.63
C SER B 126 21.41 8.44 -0.55
N TYR B 127 21.14 7.31 -1.18
CA TYR B 127 22.12 6.22 -1.28
C TYR B 127 22.20 5.60 -2.68
N GLN B 128 21.17 5.82 -3.49
CA GLN B 128 21.10 5.22 -4.82
C GLN B 128 22.06 5.82 -5.85
N LEU B 129 22.69 6.95 -5.51
CA LEU B 129 23.68 7.57 -6.39
C LEU B 129 25.13 7.40 -5.90
N THR B 130 25.33 6.67 -4.81
CA THR B 130 26.67 6.34 -4.32
C THR B 130 27.36 5.29 -5.22
N PRO B 131 28.69 5.28 -5.25
CA PRO B 131 29.46 4.33 -6.08
C PRO B 131 29.19 2.84 -5.81
N ASP B 132 29.03 2.45 -4.53
CA ASP B 132 28.76 1.06 -4.17
C ASP B 132 27.45 0.57 -4.79
N TYR B 133 26.42 1.42 -4.74
CA TYR B 133 25.13 1.12 -5.35
C TYR B 133 25.24 0.99 -6.88
N THR B 134 25.90 1.95 -7.53
CA THR B 134 26.08 1.93 -8.98
C THR B 134 26.80 0.67 -9.42
N MET B 135 27.89 0.34 -8.73
CA MET B 135 28.64 -0.90 -8.95
C MET B 135 27.73 -2.13 -8.86
N ASP B 136 26.85 -2.15 -7.86
CA ASP B 136 25.90 -3.25 -7.71
C ASP B 136 24.80 -3.27 -8.78
N ILE B 137 24.44 -2.10 -9.33
CA ILE B 137 23.56 -2.10 -10.51
C ILE B 137 24.24 -2.85 -11.65
N PHE B 138 25.52 -2.55 -11.87
CA PHE B 138 26.31 -3.20 -12.92
C PHE B 138 26.42 -4.70 -12.68
N ARG B 139 26.71 -5.09 -11.44
CA ARG B 139 26.81 -6.51 -11.09
C ARG B 139 25.51 -7.28 -11.33
N LEU B 140 24.38 -6.73 -10.87
CA LEU B 140 23.07 -7.32 -11.10
C LEU B 140 22.71 -7.37 -12.58
N SER B 141 23.03 -6.30 -13.32
CA SER B 141 22.73 -6.24 -14.75
C SER B 141 23.49 -7.31 -15.53
N ASN B 142 24.57 -7.79 -14.92
CA ASN B 142 25.37 -8.86 -15.47
C ASN B 142 24.76 -10.23 -15.20
N ILE B 143 23.87 -10.29 -14.21
CA ILE B 143 23.25 -11.54 -13.78
C ILE B 143 21.78 -11.67 -14.24
N VAL B 144 21.11 -10.54 -14.46
CA VAL B 144 19.71 -10.54 -14.89
C VAL B 144 19.58 -10.31 -16.39
N SER B 145 18.95 -11.27 -17.07
CA SER B 145 18.66 -11.15 -18.49
C SER B 145 17.74 -9.97 -18.80
N GLN B 146 17.83 -9.48 -20.03
CA GLN B 146 16.90 -8.47 -20.54
C GLN B 146 15.44 -8.94 -20.43
N ASN B 147 15.20 -10.19 -20.77
CA ASN B 147 13.88 -10.81 -20.65
C ASN B 147 13.36 -10.92 -19.20
N ASP B 148 14.24 -11.21 -18.25
CA ASP B 148 13.83 -11.30 -16.84
C ASP B 148 13.53 -9.95 -16.19
N ALA B 149 14.31 -8.93 -16.54
CA ALA B 149 14.07 -7.58 -16.04
C ALA B 149 12.75 -7.02 -16.59
N LYS B 150 12.44 -7.35 -17.84
CA LYS B 150 11.18 -6.91 -18.46
C LYS B 150 10.00 -7.58 -17.78
N ARG B 151 10.02 -8.91 -17.71
CA ARG B 151 8.98 -9.67 -17.02
C ARG B 151 8.80 -9.25 -15.55
N ALA B 152 9.90 -9.11 -14.82
CA ALA B 152 9.82 -8.73 -13.39
C ALA B 152 9.06 -7.42 -13.13
N GLY B 153 9.21 -6.44 -14.02
CA GLY B 153 8.51 -5.18 -13.84
C GLY B 153 7.18 -5.03 -14.56
N ALA B 154 6.67 -6.11 -15.16
CA ALA B 154 5.50 -6.05 -16.05
C ALA B 154 4.21 -5.50 -15.43
N ASP B 155 3.93 -5.82 -14.17
CA ASP B 155 2.72 -5.36 -13.50
C ASP B 155 2.94 -4.14 -12.60
N VAL B 156 4.13 -3.57 -12.63
CA VAL B 156 4.47 -2.43 -11.76
C VAL B 156 4.86 -1.21 -12.60
N VAL B 157 5.83 -1.42 -13.49
CA VAL B 157 6.25 -0.40 -14.43
C VAL B 157 5.17 -0.30 -15.50
N LYS B 158 4.81 0.93 -15.86
CA LYS B 158 3.84 1.17 -16.90
C LYS B 158 4.32 0.54 -18.20
N GLN B 159 3.45 -0.25 -18.83
CA GLN B 159 3.76 -0.89 -20.10
C GLN B 159 3.31 0.01 -21.22
N VAL B 160 4.26 0.43 -22.06
CA VAL B 160 3.99 1.35 -23.15
C VAL B 160 4.37 0.71 -24.49
N ALA B 161 3.87 1.30 -25.58
CA ALA B 161 4.13 0.79 -26.94
C ALA B 161 5.62 0.72 -27.25
N ASN B 162 6.38 1.69 -26.75
CA ASN B 162 7.82 1.77 -27.01
C ASN B 162 8.61 1.90 -25.69
N PRO B 163 8.83 0.76 -25.03
CA PRO B 163 9.38 0.72 -23.65
C PRO B 163 10.79 1.27 -23.52
N LEU B 164 11.03 2.00 -22.44
CA LEU B 164 12.30 2.66 -22.21
C LEU B 164 13.21 1.83 -21.34
N LEU B 165 14.52 2.00 -21.54
CA LEU B 165 15.51 1.26 -20.78
C LEU B 165 15.33 1.43 -19.27
N SER B 166 14.91 2.63 -18.86
CA SER B 166 14.63 2.91 -17.45
C SER B 166 13.73 1.86 -16.77
N GLY B 167 12.78 1.31 -17.54
CA GLY B 167 11.85 0.30 -17.05
C GLY B 167 12.52 -1.00 -16.64
N LEU B 168 13.66 -1.29 -17.25
CA LEU B 168 14.43 -2.50 -16.96
C LEU B 168 15.35 -2.33 -15.75
N ILE B 169 15.77 -1.09 -15.49
CA ILE B 169 16.65 -0.79 -14.36
C ILE B 169 15.85 -0.74 -13.06
N TYR B 170 14.64 -0.20 -13.16
CA TYR B 170 13.70 -0.10 -12.06
C TYR B 170 13.66 -1.33 -11.10
N PRO B 171 13.32 -2.54 -11.58
CA PRO B 171 13.24 -3.72 -10.70
C PRO B 171 14.57 -4.15 -10.09
N LEU B 172 15.69 -3.96 -10.79
CA LEU B 172 17.01 -4.29 -10.24
C LEU B 172 17.29 -3.41 -9.02
N MET B 173 17.04 -2.12 -9.18
CA MET B 173 17.21 -1.16 -8.10
C MET B 173 16.31 -1.47 -6.89
N GLN B 174 15.08 -1.91 -7.15
CA GLN B 174 14.18 -2.27 -6.04
C GLN B 174 14.72 -3.47 -5.24
N ALA B 175 15.37 -4.41 -5.94
CA ALA B 175 16.02 -5.56 -5.30
C ALA B 175 17.24 -5.15 -4.47
N LEU B 176 18.05 -4.26 -5.00
CA LEU B 176 19.26 -3.83 -4.31
C LEU B 176 18.94 -3.04 -3.05
N ASP B 177 17.82 -2.31 -3.09
CA ASP B 177 17.39 -1.50 -1.96
C ASP B 177 17.27 -2.32 -0.68
N GLU B 178 16.77 -3.55 -0.80
CA GLU B 178 16.71 -4.50 0.32
C GLU B 178 18.06 -4.61 1.03
N GLN B 179 19.12 -4.79 0.25
CA GLN B 179 20.46 -4.90 0.79
C GLN B 179 20.97 -3.58 1.37
N PHE B 180 20.80 -2.51 0.61
CA PHE B 180 21.30 -1.19 1.02
C PHE B 180 20.53 -0.59 2.19
N LEU B 181 19.26 -0.96 2.32
CA LEU B 181 18.48 -0.60 3.51
C LEU B 181 18.74 -1.52 4.70
N ASP B 182 19.46 -2.62 4.46
CA ASP B 182 19.89 -3.52 5.54
C ASP B 182 18.69 -4.10 6.30
N VAL B 183 17.78 -4.72 5.56
CA VAL B 183 16.56 -5.28 6.13
C VAL B 183 16.57 -6.80 6.06
N ASP B 184 15.66 -7.43 6.80
CA ASP B 184 15.44 -8.86 6.69
C ASP B 184 14.30 -9.17 5.73
N CYS B 185 13.54 -8.13 5.38
CA CYS B 185 12.21 -8.32 4.84
C CYS B 185 11.71 -7.09 4.08
N GLN B 186 11.02 -7.32 2.96
CA GLN B 186 10.31 -6.25 2.26
C GLN B 186 8.82 -6.50 2.21
N PHE B 187 8.06 -5.45 2.53
CA PHE B 187 6.61 -5.48 2.46
C PHE B 187 6.10 -4.64 1.28
N GLY B 188 5.16 -5.20 0.54
CA GLY B 188 4.41 -4.48 -0.49
C GLY B 188 3.16 -5.24 -0.89
N GLY B 189 2.45 -4.75 -1.90
CA GLY B 189 1.25 -5.43 -2.37
C GLY B 189 1.59 -6.69 -3.15
N VAL B 190 0.58 -7.50 -3.45
CA VAL B 190 0.81 -8.67 -4.31
C VAL B 190 1.21 -8.27 -5.72
N ASP B 191 0.98 -7.01 -6.10
CA ASP B 191 1.44 -6.54 -7.41
C ASP B 191 2.97 -6.39 -7.49
N GLN B 192 3.66 -6.52 -6.35
CA GLN B 192 5.14 -6.47 -6.32
C GLN B 192 5.79 -7.86 -6.43
N ARG B 193 4.99 -8.92 -6.47
CA ARG B 193 5.49 -10.30 -6.39
C ARG B 193 6.64 -10.63 -7.35
N LYS B 194 6.53 -10.16 -8.59
CA LYS B 194 7.50 -10.49 -9.62
C LYS B 194 8.85 -9.87 -9.33
N ILE B 195 8.83 -8.64 -8.80
CA ILE B 195 10.05 -7.97 -8.38
C ILE B 195 10.62 -8.64 -7.11
N PHE B 196 9.74 -8.92 -6.17
CA PHE B 196 10.09 -9.64 -4.94
C PHE B 196 10.81 -10.96 -5.22
N VAL B 197 10.27 -11.74 -6.16
CA VAL B 197 10.88 -13.00 -6.55
C VAL B 197 12.23 -12.79 -7.25
N LEU B 198 12.33 -11.77 -8.10
CA LEU B 198 13.60 -11.39 -8.71
C LEU B 198 14.67 -11.11 -7.64
N ALA B 199 14.28 -10.42 -6.58
CA ALA B 199 15.17 -10.10 -5.47
C ALA B 199 15.63 -11.37 -4.74
N GLU B 200 14.70 -12.31 -4.52
CA GLU B 200 15.01 -13.57 -3.85
C GLU B 200 15.94 -14.44 -4.68
N GLU B 201 15.76 -14.43 -5.98
CA GLU B 201 16.52 -15.28 -6.89
C GLU B 201 17.91 -14.74 -7.19
N ASN B 202 18.11 -13.42 -7.04
CA ASN B 202 19.31 -12.79 -7.58
C ASN B 202 20.28 -12.17 -6.56
N LEU B 203 19.76 -11.74 -5.41
CA LEU B 203 20.60 -11.14 -4.37
C LEU B 203 21.69 -12.08 -3.82
N PRO B 204 21.39 -13.36 -3.57
CA PRO B 204 22.43 -14.34 -3.19
C PRO B 204 23.59 -14.47 -4.19
N SER B 205 23.32 -14.30 -5.48
CA SER B 205 24.38 -14.30 -6.50
C SER B 205 25.38 -13.17 -6.30
N LEU B 206 24.95 -12.08 -5.67
CA LEU B 206 25.80 -10.91 -5.43
C LEU B 206 26.60 -11.00 -4.13
N GLY B 207 26.28 -12.00 -3.32
CA GLY B 207 26.88 -12.16 -2.01
C GLY B 207 25.96 -11.71 -0.88
N TYR B 208 24.76 -11.25 -1.22
CA TYR B 208 23.83 -10.71 -0.24
C TYR B 208 22.78 -11.74 0.16
N LYS B 209 22.27 -11.62 1.38
CA LYS B 209 21.30 -12.61 1.87
C LYS B 209 19.93 -12.48 1.20
N LYS B 210 19.23 -13.61 1.13
CA LYS B 210 17.85 -13.65 0.70
C LYS B 210 16.99 -12.98 1.78
N ARG B 211 15.97 -12.25 1.35
CA ARG B 211 15.04 -11.59 2.26
C ARG B 211 13.66 -12.21 2.13
N ALA B 212 12.90 -12.18 3.24
CA ALA B 212 11.52 -12.63 3.22
C ALA B 212 10.64 -11.55 2.58
N HIS B 213 9.46 -11.95 2.12
CA HIS B 213 8.55 -11.00 1.50
C HIS B 213 7.11 -11.12 2.00
N LEU B 214 6.57 -9.97 2.38
CA LEU B 214 5.20 -9.87 2.84
C LEU B 214 4.37 -9.12 1.81
N MET B 215 3.25 -9.72 1.41
CA MET B 215 2.38 -9.12 0.40
C MET B 215 0.93 -8.94 0.84
N ASN B 216 0.45 -7.69 0.79
CA ASN B 216 -0.95 -7.41 1.09
C ASN B 216 -1.82 -7.63 -0.15
N PRO B 217 -3.10 -7.94 0.05
CA PRO B 217 -4.05 -8.04 -1.07
C PRO B 217 -4.28 -6.67 -1.70
N MET B 218 -4.65 -6.64 -2.97
CA MET B 218 -4.98 -5.38 -3.63
C MET B 218 -6.47 -5.09 -3.43
N VAL B 219 -6.80 -3.85 -3.10
CA VAL B 219 -8.19 -3.42 -3.17
C VAL B 219 -8.49 -3.07 -4.64
N PRO B 220 -9.41 -3.82 -5.25
CA PRO B 220 -9.78 -3.64 -6.66
C PRO B 220 -10.28 -2.24 -6.99
N GLY B 221 -10.31 -1.91 -8.29
CA GLY B 221 -10.88 -0.66 -8.75
C GLY B 221 -12.39 -0.67 -8.60
N LEU B 222 -13.00 0.50 -8.74
CA LEU B 222 -14.45 0.64 -8.63
C LEU B 222 -15.16 0.25 -9.93
N ALA B 223 -14.49 0.46 -11.05
CA ALA B 223 -15.04 0.19 -12.37
C ALA B 223 -15.03 -1.32 -12.69
N ASN B 234 -10.44 7.67 -12.19
CA ASN B 234 -11.94 7.62 -12.02
C ASN B 234 -12.42 6.33 -11.35
N SER B 235 -11.50 5.38 -11.16
CA SER B 235 -11.81 4.12 -10.49
C SER B 235 -11.10 3.99 -9.14
N LYS B 236 -10.33 5.00 -8.78
CA LYS B 236 -9.76 5.13 -7.44
C LYS B 236 -10.25 6.42 -6.78
N ILE B 237 -10.19 6.47 -5.45
CA ILE B 237 -10.57 7.66 -4.71
C ILE B 237 -9.32 8.32 -4.12
N ASP B 238 -9.09 9.58 -4.48
CA ASP B 238 -7.98 10.36 -3.93
C ASP B 238 -8.13 10.50 -2.42
N LEU B 239 -6.99 10.52 -1.71
CA LEU B 239 -7.01 10.62 -0.25
C LEU B 239 -7.46 11.98 0.25
N LEU B 240 -7.54 12.96 -0.68
CA LEU B 240 -8.09 14.28 -0.38
C LEU B 240 -9.30 14.58 -1.26
N GLU B 241 -9.99 13.54 -1.71
CA GLU B 241 -11.18 13.67 -2.54
C GLU B 241 -12.27 14.45 -1.81
N GLU B 242 -12.93 15.35 -2.52
CA GLU B 242 -14.04 16.12 -1.96
C GLU B 242 -15.23 15.18 -1.75
N PRO B 243 -16.00 15.41 -0.67
CA PRO B 243 -17.20 14.61 -0.38
C PRO B 243 -18.10 14.39 -1.59
N LYS B 244 -18.35 15.45 -2.35
CA LYS B 244 -19.21 15.36 -3.53
C LYS B 244 -18.56 14.56 -4.67
N GLN B 245 -17.23 14.56 -4.72
CA GLN B 245 -16.50 13.76 -5.70
C GLN B 245 -16.43 12.30 -5.27
N VAL B 246 -16.42 12.07 -3.95
CA VAL B 246 -16.52 10.72 -3.39
C VAL B 246 -17.88 10.14 -3.75
N LYS B 247 -18.91 10.96 -3.59
CA LYS B 247 -20.28 10.60 -3.96
C LYS B 247 -20.36 10.10 -5.42
N LYS B 248 -19.79 10.88 -6.33
CA LYS B 248 -19.87 10.60 -7.75
C LYS B 248 -19.14 9.31 -8.13
N LYS B 249 -17.93 9.14 -7.61
CA LYS B 249 -17.10 7.98 -7.95
C LYS B 249 -17.71 6.68 -7.41
N ILE B 250 -18.25 6.73 -6.21
CA ILE B 250 -18.93 5.60 -5.59
C ILE B 250 -20.18 5.23 -6.40
N ASN B 251 -21.01 6.22 -6.71
CA ASN B 251 -22.21 6.03 -7.52
C ASN B 251 -21.96 5.30 -8.85
N SER B 252 -20.89 5.68 -9.54
CA SER B 252 -20.63 5.14 -10.88
C SER B 252 -20.02 3.73 -10.86
N ALA B 253 -19.56 3.29 -9.68
CA ALA B 253 -18.99 1.95 -9.50
C ALA B 253 -19.95 0.84 -9.94
N PHE B 254 -19.39 -0.22 -10.52
CA PHE B 254 -20.15 -1.40 -10.90
C PHE B 254 -20.76 -2.06 -9.67
N CYS B 255 -22.02 -2.46 -9.77
CA CYS B 255 -22.73 -3.08 -8.65
C CYS B 255 -23.99 -3.82 -9.11
N SER B 256 -23.83 -5.10 -9.43
CA SER B 256 -24.95 -5.96 -9.83
C SER B 256 -25.64 -6.58 -8.60
N PRO B 257 -26.97 -6.60 -8.59
CA PRO B 257 -27.72 -7.22 -7.50
C PRO B 257 -27.29 -8.66 -7.25
N GLY B 258 -26.70 -8.92 -6.09
CA GLY B 258 -26.35 -10.27 -5.68
C GLY B 258 -24.91 -10.64 -5.97
N ASN B 259 -24.30 -9.96 -6.93
CA ASN B 259 -22.90 -10.21 -7.30
C ASN B 259 -21.96 -9.71 -6.21
N VAL B 260 -21.31 -10.66 -5.53
CA VAL B 260 -20.31 -10.36 -4.51
C VAL B 260 -18.90 -10.64 -5.04
N GLU B 261 -18.82 -11.42 -6.13
CA GLU B 261 -17.55 -11.80 -6.73
C GLU B 261 -16.89 -10.64 -7.50
N GLU B 262 -17.71 -9.83 -8.17
CA GLU B 262 -17.25 -8.62 -8.83
C GLU B 262 -17.97 -7.41 -8.23
N ASN B 263 -17.45 -6.93 -7.11
CA ASN B 263 -18.04 -5.84 -6.35
C ASN B 263 -16.97 -5.03 -5.64
N GLY B 264 -16.49 -3.97 -6.32
CA GLY B 264 -15.40 -3.14 -5.83
C GLY B 264 -15.66 -2.50 -4.48
N LEU B 265 -16.90 -2.11 -4.23
CA LEU B 265 -17.33 -1.54 -2.96
C LEU B 265 -17.30 -2.55 -1.80
N LEU B 266 -17.82 -3.75 -2.05
CA LEU B 266 -17.77 -4.83 -1.08
C LEU B 266 -16.34 -5.16 -0.71
N SER B 267 -15.47 -5.27 -1.73
CA SER B 267 -14.05 -5.55 -1.55
C SER B 267 -13.34 -4.43 -0.81
N PHE B 268 -13.80 -3.19 -0.99
CA PHE B 268 -13.24 -2.06 -0.27
C PHE B 268 -13.49 -2.22 1.22
N VAL B 269 -14.73 -2.56 1.56
CA VAL B 269 -15.12 -2.84 2.94
C VAL B 269 -14.30 -4.01 3.47
N GLN B 270 -14.17 -5.04 2.63
CA GLN B 270 -13.39 -6.23 2.96
C GLN B 270 -11.95 -5.93 3.36
N TYR B 271 -11.27 -5.10 2.56
CA TYR B 271 -9.82 -4.92 2.69
C TYR B 271 -9.37 -3.61 3.33
N VAL B 272 -10.29 -2.66 3.48
CA VAL B 272 -9.93 -1.36 4.03
C VAL B 272 -10.70 -1.04 5.31
N ILE B 273 -12.03 -1.01 5.23
CA ILE B 273 -12.87 -0.72 6.39
C ILE B 273 -12.65 -1.69 7.55
N ALA B 274 -12.72 -2.99 7.27
CA ALA B 274 -12.58 -4.01 8.31
C ALA B 274 -11.22 -3.92 9.06
N PRO B 275 -10.09 -3.95 8.33
CA PRO B 275 -8.77 -3.80 8.96
C PRO B 275 -8.58 -2.49 9.74
N ILE B 276 -9.13 -1.38 9.26
CA ILE B 276 -9.06 -0.10 9.99
C ILE B 276 -9.85 -0.18 11.30
N GLN B 277 -10.99 -0.87 11.25
CA GLN B 277 -11.84 -1.03 12.43
C GLN B 277 -11.18 -2.00 13.40
N GLU B 278 -10.66 -3.10 12.86
CA GLU B 278 -9.85 -4.05 13.61
C GLU B 278 -8.69 -3.36 14.35
N LEU B 279 -8.24 -2.22 13.81
CA LEU B 279 -7.20 -1.42 14.48
C LEU B 279 -7.71 -0.68 15.73
N LYS B 280 -8.98 -0.90 16.10
CA LYS B 280 -9.41 -0.65 17.48
C LYS B 280 -8.76 -1.80 18.24
N PHE B 281 -9.46 -2.94 18.36
CA PHE B 281 -8.79 -4.24 18.49
C PHE B 281 -9.64 -5.51 18.44
N GLY B 282 -9.02 -6.56 17.91
CA GLY B 282 -9.63 -7.87 17.78
C GLY B 282 -10.45 -8.00 16.51
N THR B 283 -10.57 -9.23 16.02
CA THR B 283 -11.43 -9.55 14.89
C THR B 283 -12.90 -9.45 15.28
N ASN B 284 -13.15 -8.91 16.48
CA ASN B 284 -14.50 -8.82 17.01
C ASN B 284 -15.11 -7.42 17.02
N HIS B 285 -14.51 -6.50 16.27
CA HIS B 285 -15.13 -5.20 16.03
C HIS B 285 -15.28 -4.91 14.54
N PHE B 286 -16.46 -5.22 14.03
CA PHE B 286 -16.88 -4.79 12.70
C PHE B 286 -18.29 -4.22 12.81
N GLU B 287 -18.41 -2.91 12.68
CA GLU B 287 -19.71 -2.25 12.73
C GLU B 287 -19.89 -1.32 11.53
N PHE B 288 -20.63 -1.80 10.53
CA PHE B 288 -20.90 -1.00 9.35
C PHE B 288 -22.32 -0.45 9.32
N PHE B 289 -22.43 0.84 9.62
CA PHE B 289 -23.69 1.57 9.57
C PHE B 289 -24.05 1.94 8.12
N ILE B 290 -25.28 1.61 7.73
CA ILE B 290 -25.81 2.01 6.43
C ILE B 290 -27.11 2.81 6.64
N ASP B 291 -27.05 4.08 6.24
CA ASP B 291 -28.16 5.01 6.41
C ASP B 291 -29.24 4.78 5.35
N ARG B 292 -29.85 3.60 5.41
CA ARG B 292 -30.87 3.17 4.45
C ARG B 292 -32.18 3.94 4.66
N PRO B 293 -32.76 4.45 3.58
CA PRO B 293 -34.04 5.17 3.65
C PRO B 293 -35.16 4.23 4.07
N GLU B 294 -36.06 4.71 4.93
CA GLU B 294 -37.13 3.89 5.51
C GLU B 294 -37.94 3.10 4.49
N LYS B 295 -38.06 3.63 3.28
CA LYS B 295 -38.83 3.01 2.19
C LYS B 295 -38.37 1.59 1.87
N PHE B 296 -37.07 1.35 1.96
CA PHE B 296 -36.49 0.05 1.65
C PHE B 296 -35.98 -0.66 2.91
N GLY B 297 -36.71 -0.48 4.00
CA GLY B 297 -36.27 -0.93 5.32
C GLY B 297 -35.52 0.20 6.00
N GLY B 298 -35.40 0.14 7.32
CA GLY B 298 -34.72 1.20 8.05
C GLY B 298 -33.21 1.16 7.91
N PRO B 299 -32.50 2.04 8.62
CA PRO B 299 -31.06 1.93 8.76
C PRO B 299 -30.69 0.55 9.30
N ILE B 300 -29.50 0.07 8.96
CA ILE B 300 -29.01 -1.23 9.42
C ILE B 300 -27.51 -1.18 9.69
N THR B 301 -27.09 -1.81 10.79
CA THR B 301 -25.68 -1.93 11.12
C THR B 301 -25.26 -3.39 11.10
N TYR B 302 -24.38 -3.74 10.17
CA TYR B 302 -23.87 -5.10 10.06
C TYR B 302 -22.73 -5.31 11.04
N LYS B 303 -22.77 -6.44 11.74
CA LYS B 303 -21.84 -6.71 12.86
C LYS B 303 -20.65 -7.59 12.48
N SER B 304 -20.69 -8.13 11.27
CA SER B 304 -19.55 -8.86 10.70
C SER B 304 -19.57 -8.69 9.18
N PHE B 305 -18.39 -8.75 8.56
CA PHE B 305 -18.30 -8.61 7.10
C PHE B 305 -19.06 -9.70 6.35
N GLU B 306 -18.95 -10.94 6.83
CA GLU B 306 -19.57 -12.09 6.17
C GLU B 306 -21.09 -11.97 6.16
N GLU B 307 -21.64 -11.40 7.23
CA GLU B 307 -23.07 -11.12 7.32
C GLU B 307 -23.49 -10.09 6.26
N MET B 308 -22.67 -9.05 6.15
CA MET B 308 -22.88 -8.00 5.15
C MET B 308 -22.76 -8.58 3.73
N LYS B 309 -21.79 -9.47 3.55
CA LYS B 309 -21.57 -10.17 2.28
C LYS B 309 -22.77 -11.05 1.92
N LEU B 310 -23.25 -11.81 2.90
CA LEU B 310 -24.38 -12.71 2.71
C LEU B 310 -25.69 -11.94 2.48
N ALA B 311 -25.81 -10.77 3.11
CA ALA B 311 -26.97 -9.90 2.91
C ALA B 311 -27.08 -9.48 1.44
N PHE B 312 -25.93 -9.16 0.83
CA PHE B 312 -25.87 -8.78 -0.57
C PHE B 312 -26.15 -9.95 -1.52
N LYS B 313 -25.51 -11.10 -1.27
CA LYS B 313 -25.72 -12.30 -2.07
C LYS B 313 -27.18 -12.76 -2.05
N GLU B 314 -27.80 -12.72 -0.87
CA GLU B 314 -29.21 -13.08 -0.73
C GLU B 314 -30.16 -11.98 -1.21
N GLU B 315 -29.57 -10.88 -1.71
CA GLU B 315 -30.31 -9.72 -2.22
C GLU B 315 -31.19 -9.03 -1.18
N LYS B 316 -30.70 -8.96 0.05
CA LYS B 316 -31.36 -8.22 1.12
C LYS B 316 -30.80 -6.81 1.21
N LEU B 317 -29.53 -6.67 0.83
CA LEU B 317 -28.87 -5.38 0.73
C LEU B 317 -28.74 -5.01 -0.75
N SER B 318 -29.36 -3.90 -1.13
CA SER B 318 -29.34 -3.45 -2.51
C SER B 318 -28.05 -2.69 -2.83
N PRO B 319 -27.65 -2.68 -4.10
CA PRO B 319 -26.53 -1.84 -4.56
C PRO B 319 -26.61 -0.35 -4.13
N PRO B 320 -27.71 0.38 -4.33
CA PRO B 320 -27.76 1.78 -3.88
C PRO B 320 -27.59 1.97 -2.37
N ASP B 321 -28.07 1.01 -1.58
CA ASP B 321 -27.90 1.07 -0.14
C ASP B 321 -26.43 0.86 0.25
N LEU B 322 -25.77 -0.06 -0.45
CA LEU B 322 -24.34 -0.28 -0.27
C LEU B 322 -23.52 0.97 -0.61
N LYS B 323 -23.97 1.69 -1.63
CA LYS B 323 -23.33 2.94 -2.07
C LYS B 323 -23.38 4.02 -1.00
N ILE B 324 -24.54 4.14 -0.32
CA ILE B 324 -24.73 5.10 0.76
C ILE B 324 -23.74 4.85 1.88
N GLY B 325 -23.66 3.60 2.32
CA GLY B 325 -22.81 3.20 3.43
C GLY B 325 -21.33 3.38 3.17
N VAL B 326 -20.90 3.05 1.95
CA VAL B 326 -19.49 3.14 1.60
C VAL B 326 -19.06 4.60 1.44
N ALA B 327 -19.90 5.43 0.83
CA ALA B 327 -19.59 6.85 0.66
C ALA B 327 -19.45 7.57 2.01
N ASP B 328 -20.34 7.25 2.95
CA ASP B 328 -20.30 7.84 4.29
C ASP B 328 -19.05 7.42 5.06
N ALA B 329 -18.70 6.14 4.95
CA ALA B 329 -17.53 5.59 5.63
C ALA B 329 -16.23 6.12 5.04
N ILE B 330 -16.15 6.20 3.72
CA ILE B 330 -14.99 6.78 3.05
C ILE B 330 -14.83 8.25 3.44
N ASN B 331 -15.95 8.98 3.49
CA ASN B 331 -15.95 10.37 3.88
C ASN B 331 -15.49 10.55 5.32
N GLU B 332 -15.88 9.62 6.20
CA GLU B 332 -15.38 9.55 7.57
C GLU B 332 -13.86 9.45 7.61
N LEU B 333 -13.30 8.51 6.85
CA LEU B 333 -11.86 8.26 6.83
C LEU B 333 -11.04 9.41 6.28
N LEU B 334 -11.57 10.08 5.26
CA LEU B 334 -10.84 11.13 4.55
C LEU B 334 -10.81 12.45 5.31
N GLU B 335 -11.85 12.70 6.12
CA GLU B 335 -12.01 13.95 6.87
C GLU B 335 -10.75 14.46 7.61
N PRO B 336 -10.14 13.65 8.48
CA PRO B 336 -8.91 14.07 9.18
C PRO B 336 -7.70 14.28 8.26
N ILE B 337 -7.62 13.56 7.15
CA ILE B 337 -6.54 13.76 6.18
C ILE B 337 -6.75 15.09 5.43
N ARG B 338 -7.99 15.35 5.04
CA ARG B 338 -8.40 16.61 4.44
C ARG B 338 -8.07 17.78 5.38
N GLN B 339 -8.35 17.59 6.66
CA GLN B 339 -8.16 18.61 7.68
C GLN B 339 -6.68 18.91 7.93
N GLU B 340 -5.84 17.88 7.88
CA GLU B 340 -4.40 18.05 8.01
C GLU B 340 -3.82 18.81 6.81
N PHE B 341 -4.35 18.54 5.63
CA PHE B 341 -3.96 19.25 4.41
C PHE B 341 -4.27 20.76 4.49
N ALA B 342 -5.45 21.10 5.01
CA ALA B 342 -5.86 22.50 5.14
C ALA B 342 -5.12 23.26 6.24
N ASN B 343 -4.53 22.51 7.18
CA ASN B 343 -3.81 23.10 8.30
C ASN B 343 -2.31 23.20 8.07
N ASN B 344 -1.81 22.45 7.10
CA ASN B 344 -0.37 22.35 6.83
C ASN B 344 -0.01 23.01 5.49
N LYS B 345 0.72 24.11 5.57
CA LYS B 345 1.13 24.88 4.40
C LYS B 345 2.23 24.19 3.58
N GLU B 346 3.15 23.50 4.26
CA GLU B 346 4.18 22.72 3.60
C GLU B 346 3.58 21.61 2.75
N PHE B 347 2.53 20.98 3.29
CA PHE B 347 1.75 19.95 2.61
C PHE B 347 1.04 20.55 1.40
N GLN B 348 0.47 21.74 1.60
CA GLN B 348 -0.20 22.50 0.54
C GLN B 348 0.77 22.93 -0.56
N GLU B 349 1.97 23.37 -0.15
CA GLU B 349 3.02 23.76 -1.10
C GLU B 349 3.48 22.58 -1.94
N ALA B 350 3.71 21.43 -1.28
CA ALA B 350 4.13 20.21 -1.97
C ALA B 350 3.11 19.75 -3.01
N SER B 351 1.83 19.94 -2.70
CA SER B 351 0.74 19.63 -3.62
C SER B 351 0.77 20.52 -4.86
N GLU B 352 0.95 21.81 -4.64
CA GLU B 352 0.92 22.81 -5.70
C GLU B 352 2.11 22.73 -6.65
N LYS B 353 3.30 22.49 -6.08
CA LYS B 353 4.54 22.49 -6.87
C LYS B 353 4.84 21.12 -7.45
N GLY B 354 4.36 20.07 -6.79
CA GLY B 354 4.54 18.71 -7.26
C GLY B 354 3.54 18.31 -8.32
N TYR B 355 2.44 19.05 -8.44
CA TYR B 355 1.38 18.72 -9.41
C TYR B 355 0.84 19.95 -10.16
N PRO B 356 1.68 20.57 -10.99
CA PRO B 356 1.33 21.83 -11.64
C PRO B 356 0.38 21.64 -12.84
#